data_5FRM
#
_entry.id   5FRM
#
_cell.length_a   159.737
_cell.length_b   159.737
_cell.length_c   123.528
_cell.angle_alpha   90.00
_cell.angle_beta   90.00
_cell.angle_gamma   90.00
#
_symmetry.space_group_name_H-M   'P 41 21 2'
#
loop_
_entity.id
_entity.type
_entity.pdbx_description
1 polymer 'PFV INTEGRASE'
2 polymer "5'-D(*AP*TP*TP*GP*TP*CP*AP*TP*GP*GP*AP*AP*TP*TP *TP*CP*GP*CP*A)-3'"
3 polymer "5'-D(*TP*GP*CP*GP*AP*AP*AP*TP*TP*CP*CP*AP*TP*GP *AP*CP*A)-3'"
4 non-polymer 'ZINC ION'
5 non-polymer 'MAGNESIUM ION'
6 non-polymer 'SULFATE ION'
7 non-polymer '2-(N-MORPHOLINO)-ETHANESULFONIC ACID'
8 non-polymer GLYCEROL
9 non-polymer 4-azanylidene-N-[[2,4-bis(fluoranyl)phenyl]methyl]-1-oxidanyl-2-oxidanylidene-1,8-naphthyridine-3-carboxamide
10 water water
#
loop_
_entity_poly.entity_id
_entity_poly.type
_entity_poly.pdbx_seq_one_letter_code
_entity_poly.pdbx_strand_id
1 'polypeptide(L)'
;GPGCNTKKPNLDAELDQLLQGHYIKGYPKQYTYFLEDGKVKVSRPEGVKIIPPQSDRQKIVLQAHNLAHTGREATLLKIA
NLYWWPNMRKDVVKQLGRCQQCLITNASNKASGPILRPDRPQKPFDKFFIDYIGPLPPSQGYLYVLVVVDGMTGFTWLYP
TKAPSTSATVKSLNVLTSIAIPKVIHSDQGAAFTSSTFAEWAKERGIHLEFSTPYHPQSSGKVERKNSDIKRLLTKLLVG
RPTKWYDLLPVVQLALNNTYSPVLKYTPHQLLFGIDSNTPFANQDTLDLTREEELSLLQEIRTSLYHPSTPPASSRSWSP
VVGQLVQERVARPASLRPRWHKPSTVLKVLNPRTVVILDHLGNNRTVSIDNLKPTSHQNGTTNDTATMDHLEKNE
;
A,B
2 'polydeoxyribonucleotide' (DA)(DT)(DT)(DG)(DT)(DC)(DA)(DT)(DG)(DG)(DA)(DA)(DT)(DT)(DT)(DC)(DG)(DC)(DA) C
3 'polydeoxyribonucleotide' (DT)(DG)(DC)(DG)(DA)(DA)(DA)(DT)(DT)(DC)(DC)(DA)(DT)(DG)(DA)(DC)(DA) D
#
loop_
_chem_comp.id
_chem_comp.type
_chem_comp.name
_chem_comp.formula
DA DNA linking 2'-DEOXYADENOSINE-5'-MONOPHOSPHATE 'C10 H14 N5 O6 P'
DC DNA linking 2'-DEOXYCYTIDINE-5'-MONOPHOSPHATE 'C9 H14 N3 O7 P'
DG DNA linking 2'-DEOXYGUANOSINE-5'-MONOPHOSPHATE 'C10 H14 N5 O7 P'
DT DNA linking THYMIDINE-5'-MONOPHOSPHATE 'C10 H15 N2 O8 P'
GOL non-polymer GLYCEROL 'C3 H8 O3'
MES non-polymer '2-(N-MORPHOLINO)-ETHANESULFONIC ACID' 'C6 H13 N O4 S'
MG non-polymer 'MAGNESIUM ION' 'Mg 2'
SO4 non-polymer 'SULFATE ION' 'O4 S -2'
WA5 non-polymer 4-azanylidene-N-[[2,4-bis(fluoranyl)phenyl]methyl]-1-oxidanyl-2-oxidanylidene-1,8-naphthyridine-3-carboxamide 'C16 H12 F2 N4 O3'
ZN non-polymer 'ZINC ION' 'Zn 2'
#
# COMPACT_ATOMS: atom_id res chain seq x y z
N ASP A 12 -13.67 16.72 61.98
CA ASP A 12 -14.44 16.85 63.22
C ASP A 12 -15.62 17.80 63.07
N ALA A 13 -15.35 18.97 62.49
CA ALA A 13 -16.35 20.05 62.46
C ALA A 13 -17.67 19.57 61.85
N GLU A 14 -17.61 18.93 60.69
CA GLU A 14 -18.82 18.44 60.03
C GLU A 14 -19.45 17.30 60.83
N LEU A 15 -18.62 16.39 61.34
CA LEU A 15 -19.12 15.23 62.07
C LEU A 15 -19.56 15.57 63.49
N ASP A 16 -19.08 16.68 64.05
CA ASP A 16 -19.50 17.10 65.39
C ASP A 16 -20.97 17.48 65.39
N GLN A 17 -21.40 18.27 64.41
CA GLN A 17 -22.81 18.64 64.32
C GLN A 17 -23.71 17.44 64.03
N LEU A 18 -23.16 16.41 63.39
CA LEU A 18 -23.96 15.23 63.06
C LEU A 18 -24.30 14.43 64.31
N LEU A 19 -23.35 14.33 65.25
CA LEU A 19 -23.58 13.54 66.46
C LEU A 19 -24.68 14.12 67.32
N GLN A 20 -24.70 15.45 67.49
CA GLN A 20 -25.68 16.05 68.38
C GLN A 20 -27.08 16.09 67.77
N GLY A 21 -27.21 15.89 66.45
CA GLY A 21 -28.52 15.66 65.87
C GLY A 21 -28.91 16.51 64.67
N HIS A 22 -28.12 17.51 64.31
CA HIS A 22 -28.47 18.37 63.20
C HIS A 22 -28.30 17.64 61.86
N TYR A 23 -28.98 18.16 60.84
CA TYR A 23 -28.94 17.57 59.50
C TYR A 23 -27.80 18.15 58.69
N ILE A 24 -27.06 17.29 58.00
CA ILE A 24 -26.04 17.68 57.03
C ILE A 24 -26.38 17.01 55.71
N LYS A 25 -26.21 17.74 54.61
CA LYS A 25 -26.52 17.21 53.29
C LYS A 25 -25.58 16.07 52.94
N GLY A 26 -26.16 14.97 52.46
CA GLY A 26 -25.38 13.78 52.15
C GLY A 26 -25.58 12.69 53.17
N TYR A 27 -25.75 13.08 54.44
CA TYR A 27 -25.98 12.13 55.53
C TYR A 27 -27.46 12.01 55.78
N PRO A 28 -28.09 10.86 55.50
CA PRO A 28 -29.54 10.75 55.67
C PRO A 28 -29.95 10.74 57.14
N LYS A 29 -31.14 11.30 57.40
CA LYS A 29 -31.58 11.55 58.77
C LYS A 29 -32.06 10.29 59.47
N GLN A 30 -32.58 9.31 58.73
CA GLN A 30 -33.28 8.19 59.37
C GLN A 30 -32.36 7.22 60.10
N TYR A 31 -31.05 7.35 59.98
CA TYR A 31 -30.12 6.50 60.70
C TYR A 31 -29.50 7.26 61.87
N THR A 32 -29.23 6.54 62.96
CA THR A 32 -28.67 7.14 64.16
C THR A 32 -27.15 7.10 64.10
N TYR A 33 -26.52 8.26 64.24
CA TYR A 33 -25.07 8.41 64.23
C TYR A 33 -24.58 8.58 65.67
N PHE A 34 -23.53 7.83 66.05
CA PHE A 34 -23.07 7.81 67.43
C PHE A 34 -21.55 7.72 67.48
N LEU A 35 -21.00 7.88 68.68
CA LEU A 35 -19.57 7.84 68.94
C LEU A 35 -19.23 6.61 69.75
N GLU A 36 -18.11 5.97 69.40
CA GLU A 36 -17.70 4.71 70.02
C GLU A 36 -16.23 4.46 69.74
N ASP A 37 -15.46 4.24 70.80
CA ASP A 37 -14.00 4.02 70.70
C ASP A 37 -13.29 5.22 70.06
N GLY A 38 -13.82 6.42 70.29
CA GLY A 38 -13.22 7.62 69.73
C GLY A 38 -13.46 7.81 68.25
N LYS A 39 -14.49 7.18 67.69
CA LYS A 39 -14.76 7.21 66.26
C LYS A 39 -16.24 7.38 66.01
N VAL A 40 -16.58 8.19 65.02
CA VAL A 40 -17.97 8.38 64.62
C VAL A 40 -18.43 7.17 63.83
N LYS A 41 -19.60 6.63 64.19
CA LYS A 41 -20.12 5.42 63.57
C LYS A 41 -21.59 5.61 63.21
N VAL A 42 -22.12 4.66 62.44
CA VAL A 42 -23.51 4.70 61.99
C VAL A 42 -23.98 3.26 61.79
N SER A 43 -25.24 3.01 62.14
CA SER A 43 -25.85 1.69 62.00
C SER A 43 -26.63 1.65 60.69
N ARG A 44 -26.08 0.95 59.70
CA ARG A 44 -26.69 0.78 58.39
C ARG A 44 -27.13 -0.67 58.20
N PRO A 45 -28.01 -0.94 57.22
CA PRO A 45 -28.51 -2.32 57.04
C PRO A 45 -27.41 -3.36 56.88
N GLU A 46 -26.27 -2.99 56.30
CA GLU A 46 -25.17 -3.94 56.18
C GLU A 46 -24.53 -4.22 57.53
N GLY A 47 -24.47 -3.22 58.39
CA GLY A 47 -23.85 -3.36 59.70
C GLY A 47 -23.40 -2.00 60.20
N VAL A 48 -22.58 -2.04 61.26
CA VAL A 48 -22.05 -0.82 61.85
C VAL A 48 -20.79 -0.42 61.08
N LYS A 49 -20.82 0.77 60.48
CA LYS A 49 -19.69 1.28 59.72
C LYS A 49 -19.15 2.54 60.37
N ILE A 50 -17.85 2.77 60.19
CA ILE A 50 -17.17 3.95 60.71
C ILE A 50 -17.28 5.07 59.66
N ILE A 51 -17.65 6.27 60.12
CA ILE A 51 -17.64 7.46 59.26
C ILE A 51 -16.34 8.21 59.55
N PRO A 52 -15.37 8.19 58.65
CA PRO A 52 -14.14 8.94 58.86
C PRO A 52 -14.35 10.41 58.51
N PRO A 53 -13.54 11.30 59.06
CA PRO A 53 -13.65 12.71 58.69
C PRO A 53 -13.21 12.93 57.24
N GLN A 54 -13.67 14.06 56.69
CA GLN A 54 -13.39 14.41 55.30
C GLN A 54 -11.90 14.32 54.99
N SER A 55 -11.05 14.74 55.93
CA SER A 55 -9.61 14.84 55.71
C SER A 55 -8.90 13.49 55.68
N ASP A 56 -9.58 12.41 56.07
CA ASP A 56 -8.97 11.08 56.06
C ASP A 56 -9.37 10.23 54.86
N ARG A 57 -10.35 10.68 54.06
CA ARG A 57 -10.98 9.78 53.10
C ARG A 57 -10.10 9.52 51.88
N GLN A 58 -9.39 10.55 51.40
CA GLN A 58 -8.47 10.34 50.28
C GLN A 58 -7.42 9.30 50.62
N LYS A 59 -6.93 9.31 51.86
CA LYS A 59 -5.94 8.34 52.29
C LYS A 59 -6.54 6.93 52.34
N ILE A 60 -7.79 6.83 52.80
CA ILE A 60 -8.44 5.52 52.90
C ILE A 60 -8.69 4.93 51.52
N VAL A 61 -9.21 5.74 50.59
CA VAL A 61 -9.46 5.27 49.23
C VAL A 61 -8.16 4.83 48.57
N LEU A 62 -7.08 5.56 48.82
CA LEU A 62 -5.79 5.21 48.24
C LEU A 62 -5.25 3.92 48.82
N GLN A 63 -5.32 3.78 50.15
CA GLN A 63 -4.85 2.54 50.79
C GLN A 63 -5.62 1.33 50.26
N ALA A 64 -6.94 1.48 50.07
CA ALA A 64 -7.72 0.38 49.54
C ALA A 64 -7.38 0.10 48.08
N HIS A 65 -7.28 1.14 47.26
CA HIS A 65 -6.95 0.95 45.86
C HIS A 65 -5.58 0.30 45.70
N ASN A 66 -4.60 0.75 46.48
CA ASN A 66 -3.22 0.33 46.27
C ASN A 66 -2.94 -1.11 46.68
N LEU A 67 -3.88 -1.79 47.34
CA LEU A 67 -3.68 -3.18 47.70
C LEU A 67 -3.40 -4.03 46.46
N ALA A 68 -4.28 -3.94 45.45
CA ALA A 68 -4.09 -4.66 44.20
C ALA A 68 -4.38 -3.78 42.99
N HIS A 69 -4.36 -2.46 43.17
CA HIS A 69 -4.68 -1.49 42.12
C HIS A 69 -5.96 -1.85 41.39
N THR A 70 -7.03 -2.03 42.18
CA THR A 70 -8.33 -2.46 41.71
C THR A 70 -9.13 -1.29 41.15
N GLY A 71 -10.12 -1.63 40.32
CA GLY A 71 -11.02 -0.65 39.74
C GLY A 71 -12.11 -0.23 40.71
N ARG A 72 -13.20 0.28 40.15
CA ARG A 72 -14.21 0.98 40.95
C ARG A 72 -14.84 0.05 41.98
N GLU A 73 -15.51 -1.01 41.53
CA GLU A 73 -16.30 -1.82 42.46
C GLU A 73 -15.43 -2.63 43.41
N ALA A 74 -14.33 -3.20 42.91
CA ALA A 74 -13.45 -4.00 43.76
C ALA A 74 -12.76 -3.15 44.82
N THR A 75 -12.47 -1.89 44.50
CA THR A 75 -11.92 -0.98 45.51
C THR A 75 -12.97 -0.61 46.54
N LEU A 76 -14.20 -0.33 46.07
CA LEU A 76 -15.25 0.08 47.00
C LEU A 76 -15.62 -1.05 47.97
N LEU A 77 -15.68 -2.29 47.48
CA LEU A 77 -16.03 -3.41 48.33
C LEU A 77 -15.05 -3.57 49.48
N LYS A 78 -13.80 -3.17 49.30
CA LYS A 78 -12.85 -3.16 50.40
C LYS A 78 -13.19 -2.06 51.40
N ILE A 79 -13.41 -0.84 50.92
CA ILE A 79 -13.71 0.27 51.80
C ILE A 79 -14.99 0.02 52.58
N ALA A 80 -16.01 -0.52 51.91
CA ALA A 80 -17.31 -0.69 52.52
C ALA A 80 -17.30 -1.70 53.67
N ASN A 81 -16.27 -2.53 53.77
CA ASN A 81 -16.20 -3.47 54.89
C ASN A 81 -16.11 -2.74 56.22
N LEU A 82 -15.36 -1.63 56.26
CA LEU A 82 -15.17 -0.86 57.47
C LEU A 82 -15.91 0.46 57.48
N TYR A 83 -15.97 1.18 56.36
CA TYR A 83 -16.35 2.58 56.36
C TYR A 83 -17.64 2.83 55.57
N TRP A 84 -18.25 3.97 55.86
CA TRP A 84 -19.33 4.54 55.05
C TRP A 84 -19.22 6.06 55.09
N TRP A 85 -19.50 6.69 53.95
CA TRP A 85 -19.65 8.14 53.89
C TRP A 85 -20.41 8.47 52.61
N PRO A 86 -20.89 9.71 52.46
CA PRO A 86 -21.72 10.03 51.29
C PRO A 86 -20.94 10.01 49.99
N ASN A 87 -21.51 9.34 48.98
CA ASN A 87 -20.99 9.32 47.62
C ASN A 87 -19.55 8.75 47.58
N MET A 88 -19.43 7.51 48.05
CA MET A 88 -18.11 6.90 48.16
C MET A 88 -17.48 6.66 46.79
N ARG A 89 -18.27 6.19 45.82
CA ARG A 89 -17.72 5.89 44.51
C ARG A 89 -17.19 7.13 43.81
N LYS A 90 -17.72 8.31 44.15
CA LYS A 90 -17.18 9.55 43.58
C LYS A 90 -15.73 9.74 44.01
N ASP A 91 -15.43 9.47 45.28
CA ASP A 91 -14.05 9.58 45.76
C ASP A 91 -13.18 8.44 45.23
N VAL A 92 -13.78 7.26 45.01
CA VAL A 92 -13.03 6.16 44.42
C VAL A 92 -12.63 6.51 42.99
N VAL A 93 -13.60 6.98 42.18
CA VAL A 93 -13.33 7.32 40.79
C VAL A 93 -12.33 8.46 40.69
N LYS A 94 -12.37 9.41 41.63
CA LYS A 94 -11.39 10.49 41.62
C LYS A 94 -9.96 9.95 41.74
N GLN A 95 -9.76 8.95 42.58
CA GLN A 95 -8.43 8.38 42.74
C GLN A 95 -8.05 7.49 41.56
N LEU A 96 -9.01 6.80 40.95
CA LEU A 96 -8.70 5.98 39.78
C LEU A 96 -8.17 6.83 38.63
N GLY A 97 -8.76 8.00 38.43
CA GLY A 97 -8.31 8.91 37.38
C GLY A 97 -7.01 9.61 37.68
N ARG A 98 -6.55 9.57 38.93
CA ARG A 98 -5.25 10.13 39.32
C ARG A 98 -4.15 9.10 39.43
N CYS A 99 -4.49 7.81 39.45
CA CYS A 99 -3.48 6.76 39.58
C CYS A 99 -2.82 6.54 38.22
N GLN A 100 -1.57 6.99 38.10
CA GLN A 100 -0.87 6.89 36.82
C GLN A 100 -0.63 5.44 36.43
N GLN A 101 -0.35 4.57 37.41
CA GLN A 101 -0.05 3.17 37.10
C GLN A 101 -1.24 2.47 36.47
N CYS A 102 -2.45 2.74 36.97
CA CYS A 102 -3.62 2.08 36.42
C CYS A 102 -3.95 2.59 35.02
N LEU A 103 -3.79 3.90 34.79
CA LEU A 103 -4.15 4.48 33.51
C LEU A 103 -3.28 3.92 32.38
N ILE A 104 -2.00 3.69 32.65
CA ILE A 104 -1.10 3.24 31.59
C ILE A 104 -1.01 1.72 31.49
N THR A 105 -1.44 0.99 32.51
CA THR A 105 -1.36 -0.47 32.49
C THR A 105 -2.67 -1.14 32.10
N ASN A 106 -3.81 -0.61 32.53
CA ASN A 106 -5.08 -1.28 32.29
C ASN A 106 -5.44 -1.29 30.82
N ALA A 107 -6.32 -2.23 30.46
CA ALA A 107 -6.85 -2.32 29.11
C ALA A 107 -8.06 -1.40 28.94
N SER A 108 -8.37 -1.10 27.69
CA SER A 108 -9.61 -0.41 27.37
C SER A 108 -10.76 -1.39 27.37
N ASN A 109 -11.97 -0.88 27.60
CA ASN A 109 -13.18 -1.65 27.38
C ASN A 109 -14.16 -0.92 26.47
N LYS A 110 -13.62 -0.06 25.58
CA LYS A 110 -14.40 0.59 24.54
C LYS A 110 -13.75 0.29 23.20
N ALA A 111 -14.53 -0.24 22.26
CA ALA A 111 -14.00 -0.58 20.95
C ALA A 111 -13.86 0.68 20.09
N SER A 112 -13.00 0.58 19.08
CA SER A 112 -12.88 1.65 18.11
C SER A 112 -14.16 1.77 17.31
N GLY A 113 -14.45 2.98 16.82
CA GLY A 113 -15.56 3.20 15.94
C GLY A 113 -15.42 2.42 14.64
N PRO A 114 -16.51 2.31 13.88
CA PRO A 114 -16.50 1.43 12.71
C PRO A 114 -15.56 1.95 11.62
N ILE A 115 -15.03 1.01 10.84
CA ILE A 115 -13.97 1.33 9.88
C ILE A 115 -14.53 2.14 8.72
N LEU A 116 -13.69 3.01 8.18
CA LEU A 116 -13.99 3.71 6.93
C LEU A 116 -13.67 2.81 5.75
N ARG A 117 -14.48 2.90 4.69
CA ARG A 117 -14.17 2.25 3.43
C ARG A 117 -13.85 3.34 2.41
N PRO A 118 -12.60 3.81 2.34
CA PRO A 118 -12.29 4.93 1.45
C PRO A 118 -12.59 4.61 0.00
N ASP A 119 -12.90 5.67 -0.76
CA ASP A 119 -13.26 5.51 -2.17
C ASP A 119 -12.16 4.82 -2.94
N ARG A 120 -12.56 3.94 -3.84
CA ARG A 120 -11.62 3.35 -4.78
C ARG A 120 -11.03 4.46 -5.64
N PRO A 121 -9.71 4.48 -5.84
CA PRO A 121 -9.11 5.46 -6.76
C PRO A 121 -9.82 5.43 -8.11
N GLN A 122 -10.03 6.63 -8.68
CA GLN A 122 -10.86 6.73 -9.88
C GLN A 122 -10.20 6.05 -11.07
N LYS A 123 -8.90 6.23 -11.25
CA LYS A 123 -8.19 5.75 -12.43
C LYS A 123 -7.05 4.83 -12.04
N PRO A 124 -6.62 3.96 -12.95
CA PRO A 124 -5.33 3.28 -12.75
C PRO A 124 -4.20 4.28 -12.69
N PHE A 125 -3.21 3.98 -11.85
CA PHE A 125 -2.03 4.79 -11.60
C PHE A 125 -2.33 6.04 -10.80
N ASP A 126 -3.55 6.18 -10.27
CA ASP A 126 -3.82 7.26 -9.31
C ASP A 126 -3.14 7.00 -7.98
N LYS A 127 -3.16 5.75 -7.50
CA LYS A 127 -2.57 5.43 -6.21
C LYS A 127 -2.04 4.01 -6.22
N PHE A 128 -0.74 3.86 -5.98
CA PHE A 128 -0.10 2.58 -5.73
C PHE A 128 -0.05 2.30 -4.23
N PHE A 129 -0.23 1.03 -3.88
CA PHE A 129 0.02 0.54 -2.52
C PHE A 129 1.19 -0.43 -2.57
N ILE A 130 2.26 -0.13 -1.83
CA ILE A 130 3.45 -0.96 -1.84
C ILE A 130 3.76 -1.42 -0.43
N ASP A 131 4.44 -2.57 -0.35
CA ASP A 131 4.74 -3.24 0.91
C ASP A 131 5.69 -4.39 0.62
N TYR A 132 6.37 -4.85 1.66
CA TYR A 132 7.27 -6.00 1.55
C TYR A 132 6.67 -7.23 2.21
N ILE A 133 6.95 -8.38 1.60
CA ILE A 133 6.74 -9.69 2.22
C ILE A 133 8.10 -10.28 2.56
N GLY A 134 8.18 -10.93 3.72
CA GLY A 134 9.42 -11.59 4.10
C GLY A 134 9.80 -11.37 5.55
N PRO A 135 10.87 -12.06 6.00
CA PRO A 135 11.73 -12.95 5.19
C PRO A 135 11.09 -14.30 4.85
N LEU A 136 11.39 -14.78 3.65
CA LEU A 136 11.00 -16.07 3.13
C LEU A 136 12.19 -17.02 3.14
N PRO A 137 11.98 -18.31 2.90
CA PRO A 137 13.12 -19.23 2.73
C PRO A 137 14.00 -18.80 1.57
N PRO A 138 15.32 -18.84 1.74
CA PRO A 138 16.22 -18.40 0.68
C PRO A 138 15.96 -19.11 -0.64
N SER A 139 15.78 -18.31 -1.70
CA SER A 139 15.55 -18.83 -3.04
C SER A 139 16.38 -17.99 -4.00
N GLN A 140 17.43 -18.58 -4.57
CA GLN A 140 18.37 -17.90 -5.48
C GLN A 140 19.05 -16.72 -4.79
N GLY A 141 19.21 -16.78 -3.47
CA GLY A 141 19.77 -15.69 -2.70
C GLY A 141 18.79 -14.62 -2.30
N TYR A 142 17.52 -14.76 -2.67
CA TYR A 142 16.51 -13.75 -2.40
C TYR A 142 15.66 -14.15 -1.21
N LEU A 143 15.32 -13.16 -0.38
CA LEU A 143 14.58 -13.39 0.86
C LEU A 143 13.25 -12.65 0.92
N TYR A 144 13.07 -11.58 0.16
CA TYR A 144 11.89 -10.72 0.29
C TYR A 144 11.22 -10.54 -1.07
N VAL A 145 10.02 -9.99 -1.03
CA VAL A 145 9.25 -9.66 -2.23
C VAL A 145 8.66 -8.27 -2.04
N LEU A 146 8.97 -7.36 -2.95
CA LEU A 146 8.26 -6.09 -3.02
C LEU A 146 6.95 -6.30 -3.79
N VAL A 147 5.84 -5.90 -3.16
CA VAL A 147 4.52 -6.05 -3.75
C VAL A 147 3.97 -4.66 -4.03
N VAL A 148 3.59 -4.42 -5.28
CA VAL A 148 3.02 -3.14 -5.71
C VAL A 148 1.64 -3.40 -6.28
N VAL A 149 0.62 -2.76 -5.70
CA VAL A 149 -0.78 -2.98 -6.09
C VAL A 149 -1.37 -1.66 -6.54
N ASP A 150 -1.89 -1.63 -7.77
CA ASP A 150 -2.62 -0.47 -8.22
C ASP A 150 -3.99 -0.44 -7.56
N GLY A 151 -4.33 0.72 -6.98
CA GLY A 151 -5.52 0.80 -6.13
C GLY A 151 -6.81 0.60 -6.90
N MET A 152 -6.92 1.21 -8.08
CA MET A 152 -8.16 1.14 -8.84
C MET A 152 -8.40 -0.27 -9.37
N THR A 153 -7.38 -0.88 -9.97
CA THR A 153 -7.55 -2.14 -10.68
C THR A 153 -7.25 -3.36 -9.83
N GLY A 154 -6.40 -3.23 -8.81
CA GLY A 154 -5.86 -4.38 -8.13
C GLY A 154 -4.72 -5.06 -8.87
N PHE A 155 -4.32 -4.52 -10.03
CA PHE A 155 -3.21 -5.09 -10.78
C PHE A 155 -1.93 -5.00 -9.96
N THR A 156 -1.21 -6.11 -9.89
CA THR A 156 -0.12 -6.29 -8.93
C THR A 156 1.18 -6.63 -9.65
N TRP A 157 2.26 -5.98 -9.22
CA TRP A 157 3.61 -6.29 -9.67
C TRP A 157 4.42 -6.87 -8.52
N LEU A 158 5.21 -7.90 -8.81
CA LEU A 158 6.02 -8.57 -7.80
C LEU A 158 7.50 -8.47 -8.16
N TYR A 159 8.32 -8.14 -7.17
CA TYR A 159 9.76 -8.02 -7.36
C TYR A 159 10.52 -8.69 -6.21
N PRO A 160 11.34 -9.69 -6.50
CA PRO A 160 12.13 -10.32 -5.44
C PRO A 160 13.35 -9.49 -5.07
N THR A 161 13.60 -9.36 -3.77
CA THR A 161 14.75 -8.61 -3.28
C THR A 161 15.49 -9.41 -2.23
N LYS A 162 16.73 -9.00 -1.97
CA LYS A 162 17.56 -9.62 -0.94
C LYS A 162 17.38 -8.98 0.42
N ALA A 163 16.87 -7.75 0.47
CA ALA A 163 16.57 -7.06 1.72
C ALA A 163 15.40 -6.12 1.46
N PRO A 164 14.63 -5.72 2.54
CA PRO A 164 13.59 -4.69 2.34
C PRO A 164 14.18 -3.30 2.43
N SER A 165 14.99 -2.95 1.43
CA SER A 165 15.80 -1.75 1.46
C SER A 165 15.25 -0.67 0.55
N THR A 166 15.71 0.56 0.76
CA THR A 166 15.38 1.65 -0.14
C THR A 166 16.02 1.43 -1.51
N SER A 167 17.26 0.94 -1.55
CA SER A 167 17.95 0.74 -2.81
C SER A 167 17.23 -0.32 -3.66
N ALA A 168 16.75 -1.39 -3.03
CA ALA A 168 16.02 -2.41 -3.78
C ALA A 168 14.64 -1.91 -4.19
N THR A 169 14.00 -1.09 -3.36
CA THR A 169 12.73 -0.50 -3.74
C THR A 169 12.88 0.42 -4.95
N VAL A 170 13.95 1.23 -4.97
CA VAL A 170 14.16 2.16 -6.07
C VAL A 170 14.47 1.42 -7.36
N LYS A 171 15.30 0.38 -7.29
CA LYS A 171 15.60 -0.39 -8.49
C LYS A 171 14.35 -1.04 -9.07
N SER A 172 13.50 -1.59 -8.21
CA SER A 172 12.28 -2.24 -8.70
C SER A 172 11.30 -1.24 -9.28
N LEU A 173 11.11 -0.10 -8.62
CA LEU A 173 10.14 0.88 -9.10
C LEU A 173 10.62 1.62 -10.34
N ASN A 174 11.93 1.70 -10.56
CA ASN A 174 12.42 2.25 -11.82
C ASN A 174 12.01 1.36 -12.99
N VAL A 175 11.99 0.05 -12.77
CA VAL A 175 11.52 -0.88 -13.80
C VAL A 175 10.01 -0.73 -14.00
N LEU A 176 9.28 -0.64 -12.90
CA LEU A 176 7.81 -0.53 -12.98
C LEU A 176 7.40 0.79 -13.62
N THR A 177 8.00 1.90 -13.21
CA THR A 177 7.64 3.21 -13.74
C THR A 177 8.07 3.41 -15.19
N SER A 178 8.70 2.40 -15.81
CA SER A 178 8.88 2.42 -17.25
C SER A 178 7.54 2.35 -17.97
N ILE A 179 6.55 1.69 -17.35
CA ILE A 179 5.23 1.58 -17.95
C ILE A 179 4.44 2.87 -17.74
N ALA A 180 4.40 3.37 -16.50
CA ALA A 180 3.66 4.57 -16.16
C ALA A 180 4.06 5.06 -14.77
N ILE A 181 3.90 6.35 -14.56
CA ILE A 181 4.20 7.00 -13.28
C ILE A 181 2.90 7.17 -12.51
N PRO A 182 2.85 6.83 -11.22
CA PRO A 182 1.65 7.08 -10.43
C PRO A 182 1.64 8.48 -9.81
N LYS A 183 0.43 8.93 -9.51
CA LYS A 183 0.26 10.17 -8.74
C LYS A 183 0.75 9.98 -7.31
N VAL A 184 0.26 8.94 -6.64
CA VAL A 184 0.50 8.71 -5.23
C VAL A 184 1.03 7.29 -5.03
N ILE A 185 2.02 7.15 -4.17
CA ILE A 185 2.43 5.85 -3.64
C ILE A 185 2.13 5.83 -2.16
N HIS A 186 1.27 4.91 -1.74
CA HIS A 186 0.95 4.71 -0.33
C HIS A 186 1.78 3.56 0.20
N SER A 187 2.37 3.74 1.37
CA SER A 187 3.14 2.69 2.03
C SER A 187 2.97 2.82 3.54
N ASP A 188 3.38 1.77 4.24
CA ASP A 188 3.51 1.85 5.69
C ASP A 188 4.80 2.57 6.05
N GLN A 189 5.08 2.67 7.35
CA GLN A 189 6.26 3.40 7.81
C GLN A 189 7.48 2.49 7.98
N GLY A 190 7.62 1.48 7.14
CA GLY A 190 8.84 0.70 7.13
C GLY A 190 10.04 1.51 6.68
N ALA A 191 11.24 1.03 7.06
CA ALA A 191 12.46 1.80 6.87
C ALA A 191 12.75 2.08 5.40
N ALA A 192 12.35 1.17 4.51
CA ALA A 192 12.66 1.34 3.09
C ALA A 192 11.91 2.52 2.48
N PHE A 193 10.74 2.86 3.03
CA PHE A 193 9.87 3.85 2.43
C PHE A 193 9.94 5.21 3.12
N THR A 194 10.45 5.28 4.34
CA THR A 194 10.52 6.53 5.09
C THR A 194 11.86 7.25 4.95
N SER A 195 12.84 6.63 4.31
CA SER A 195 14.17 7.22 4.20
C SER A 195 14.14 8.42 3.26
N SER A 196 15.08 9.34 3.49
CA SER A 196 15.15 10.54 2.66
C SER A 196 15.56 10.22 1.22
N THR A 197 16.29 9.12 1.02
CA THR A 197 16.64 8.70 -0.34
C THR A 197 15.37 8.39 -1.15
N PHE A 198 14.39 7.76 -0.51
CA PHE A 198 13.15 7.40 -1.21
C PHE A 198 12.28 8.62 -1.46
N ALA A 199 12.20 9.53 -0.49
CA ALA A 199 11.46 10.77 -0.70
C ALA A 199 12.07 11.59 -1.82
N GLU A 200 13.40 11.59 -1.91
CA GLU A 200 14.09 12.27 -3.00
C GLU A 200 13.75 11.63 -4.34
N TRP A 201 13.72 10.29 -4.38
CA TRP A 201 13.38 9.59 -5.60
C TRP A 201 11.96 9.92 -6.06
N ALA A 202 11.03 10.08 -5.11
CA ALA A 202 9.65 10.36 -5.46
C ALA A 202 9.44 11.79 -5.92
N LYS A 203 10.15 12.75 -5.29
CA LYS A 203 10.00 14.14 -5.68
C LYS A 203 10.57 14.40 -7.07
N GLU A 204 11.64 13.69 -7.45
CA GLU A 204 12.20 13.83 -8.79
C GLU A 204 11.18 13.47 -9.86
N ARG A 205 10.24 12.57 -9.56
CA ARG A 205 9.29 12.06 -10.54
C ARG A 205 7.89 12.61 -10.35
N GLY A 206 7.69 13.54 -9.42
CA GLY A 206 6.36 14.09 -9.19
C GLY A 206 5.40 13.14 -8.53
N ILE A 207 5.91 12.19 -7.74
CA ILE A 207 5.09 11.23 -7.03
C ILE A 207 4.94 11.70 -5.58
N HIS A 208 3.68 11.79 -5.13
CA HIS A 208 3.42 12.14 -3.74
C HIS A 208 3.47 10.90 -2.88
N LEU A 209 4.29 10.92 -1.82
CA LEU A 209 4.40 9.81 -0.89
C LEU A 209 3.35 9.98 0.21
N GLU A 210 2.52 8.95 0.38
CA GLU A 210 1.49 8.91 1.40
C GLU A 210 1.82 7.77 2.36
N PHE A 211 1.65 8.02 3.66
CA PHE A 211 2.09 7.07 4.68
C PHE A 211 0.94 6.68 5.59
N SER A 212 0.87 5.40 5.91
CA SER A 212 -0.06 4.91 6.92
C SER A 212 0.29 5.49 8.29
N THR A 213 -0.72 5.61 9.14
CA THR A 213 -0.46 5.83 10.54
C THR A 213 0.39 4.68 11.08
N PRO A 214 1.20 4.92 12.10
CA PRO A 214 2.13 3.86 12.53
C PRO A 214 1.42 2.67 13.14
N TYR A 215 2.00 1.48 12.91
CA TYR A 215 1.56 0.24 13.52
C TYR A 215 0.08 -0.03 13.26
N HIS A 216 -0.30 0.01 11.99
CA HIS A 216 -1.69 -0.13 11.58
C HIS A 216 -1.77 -0.62 10.14
N PRO A 217 -1.42 -1.89 9.87
CA PRO A 217 -1.41 -2.37 8.48
C PRO A 217 -2.78 -2.41 7.80
N GLN A 218 -3.88 -2.28 8.55
CA GLN A 218 -5.19 -2.02 7.97
C GLN A 218 -5.11 -0.96 6.88
N SER A 219 -4.35 0.10 7.17
CA SER A 219 -4.30 1.27 6.29
C SER A 219 -3.68 0.93 4.94
N SER A 220 -2.77 -0.05 4.90
CA SER A 220 -2.28 -0.61 3.64
C SER A 220 -3.07 -1.85 3.22
N GLY A 221 -4.37 -1.90 3.55
CA GLY A 221 -5.12 -3.14 3.42
C GLY A 221 -5.21 -3.67 2.01
N LYS A 222 -5.14 -2.79 1.01
CA LYS A 222 -5.20 -3.25 -0.37
C LYS A 222 -4.04 -4.16 -0.71
N VAL A 223 -2.82 -3.78 -0.34
CA VAL A 223 -1.67 -4.59 -0.66
C VAL A 223 -1.51 -5.73 0.36
N GLU A 224 -1.89 -5.50 1.62
CA GLU A 224 -1.86 -6.60 2.60
C GLU A 224 -2.73 -7.76 2.15
N ARG A 225 -3.95 -7.46 1.71
CA ARG A 225 -4.85 -8.52 1.25
C ARG A 225 -4.29 -9.24 0.02
N LYS A 226 -3.59 -8.52 -0.85
CA LYS A 226 -2.96 -9.16 -2.00
C LYS A 226 -1.81 -10.06 -1.55
N ASN A 227 -1.08 -9.65 -0.51
CA ASN A 227 -0.01 -10.49 0.04
C ASN A 227 -0.57 -11.84 0.47
N SER A 228 -1.78 -11.85 1.04
CA SER A 228 -2.41 -13.11 1.41
C SER A 228 -2.60 -14.01 0.19
N ASP A 229 -3.12 -13.45 -0.90
CA ASP A 229 -3.34 -14.24 -2.11
C ASP A 229 -2.02 -14.71 -2.71
N ILE A 230 -0.98 -13.87 -2.68
CA ILE A 230 0.32 -14.26 -3.22
C ILE A 230 0.87 -15.45 -2.44
N LYS A 231 0.91 -15.33 -1.11
CA LYS A 231 1.43 -16.43 -0.29
C LYS A 231 0.57 -17.68 -0.41
N ARG A 232 -0.75 -17.49 -0.52
CA ARG A 232 -1.64 -18.65 -0.62
C ARG A 232 -1.39 -19.44 -1.89
N LEU A 233 -1.24 -18.75 -3.02
CA LEU A 233 -0.98 -19.46 -4.27
C LEU A 233 0.41 -20.08 -4.29
N LEU A 234 1.42 -19.34 -3.83
CA LEU A 234 2.77 -19.90 -3.72
C LEU A 234 2.77 -21.16 -2.87
N THR A 235 2.06 -21.14 -1.75
CA THR A 235 1.98 -22.32 -0.89
C THR A 235 1.43 -23.52 -1.65
N LYS A 236 0.34 -23.32 -2.40
CA LYS A 236 -0.27 -24.42 -3.15
C LYS A 236 0.66 -24.95 -4.23
N LEU A 237 1.32 -24.05 -4.96
CA LEU A 237 2.21 -24.49 -6.03
C LEU A 237 3.44 -25.22 -5.51
N LEU A 238 3.82 -24.99 -4.25
CA LEU A 238 5.01 -25.59 -3.67
C LEU A 238 4.71 -26.80 -2.79
N VAL A 239 3.48 -27.29 -2.80
CA VAL A 239 3.14 -28.46 -2.00
C VAL A 239 3.95 -29.66 -2.48
N GLY A 240 4.56 -30.37 -1.53
CA GLY A 240 5.35 -31.54 -1.88
C GLY A 240 6.60 -31.22 -2.69
N ARG A 241 7.13 -30.01 -2.55
CA ARG A 241 8.32 -29.58 -3.26
C ARG A 241 9.13 -28.69 -2.34
N PRO A 242 10.43 -28.56 -2.58
CA PRO A 242 11.21 -27.52 -1.89
C PRO A 242 10.73 -26.13 -2.31
N THR A 243 10.83 -25.19 -1.37
CA THR A 243 10.22 -23.86 -1.51
C THR A 243 11.05 -22.98 -2.43
N LYS A 244 11.10 -23.36 -3.70
CA LYS A 244 11.81 -22.59 -4.73
C LYS A 244 10.85 -21.57 -5.33
N TRP A 245 10.63 -20.47 -4.60
CA TRP A 245 9.59 -19.52 -4.97
C TRP A 245 10.05 -18.44 -5.96
N TYR A 246 11.36 -18.32 -6.21
CA TYR A 246 11.85 -17.26 -7.08
C TYR A 246 11.33 -17.42 -8.50
N ASP A 247 11.36 -18.65 -9.04
CA ASP A 247 10.90 -18.87 -10.41
C ASP A 247 9.38 -18.78 -10.53
N LEU A 248 8.66 -18.80 -9.41
CA LEU A 248 7.20 -18.79 -9.45
C LEU A 248 6.59 -17.40 -9.37
N LEU A 249 7.34 -16.41 -8.91
CA LEU A 249 6.81 -15.05 -8.84
C LEU A 249 6.21 -14.56 -10.15
N PRO A 250 6.85 -14.74 -11.32
CA PRO A 250 6.18 -14.34 -12.57
C PRO A 250 4.88 -15.09 -12.82
N VAL A 251 4.84 -16.38 -12.51
CA VAL A 251 3.63 -17.17 -12.72
C VAL A 251 2.51 -16.68 -11.81
N VAL A 252 2.84 -16.42 -10.53
CA VAL A 252 1.84 -15.96 -9.58
C VAL A 252 1.32 -14.59 -9.96
N GLN A 253 2.22 -13.68 -10.35
CA GLN A 253 1.81 -12.35 -10.79
C GLN A 253 0.79 -12.42 -11.91
N LEU A 254 1.09 -13.22 -12.95
CA LEU A 254 0.17 -13.34 -14.08
C LEU A 254 -1.12 -14.03 -13.66
N ALA A 255 -1.02 -15.05 -12.81
CA ALA A 255 -2.21 -15.80 -12.43
C ALA A 255 -3.19 -14.93 -11.63
N LEU A 256 -2.67 -14.13 -10.69
CA LEU A 256 -3.55 -13.31 -9.87
C LEU A 256 -4.08 -12.10 -10.64
N ASN A 257 -3.26 -11.53 -11.53
CA ASN A 257 -3.72 -10.41 -12.33
C ASN A 257 -4.82 -10.79 -13.30
N ASN A 258 -4.99 -12.09 -13.57
CA ASN A 258 -6.05 -12.56 -14.44
C ASN A 258 -7.06 -13.43 -13.70
N THR A 259 -7.14 -13.30 -12.38
CA THR A 259 -8.13 -14.01 -11.58
C THR A 259 -9.33 -13.12 -11.36
N TYR A 260 -10.52 -13.68 -11.54
CA TYR A 260 -11.75 -12.91 -11.34
C TYR A 260 -11.99 -12.63 -9.87
N SER A 261 -12.48 -11.42 -9.58
CA SER A 261 -13.07 -11.11 -8.29
C SER A 261 -14.57 -11.36 -8.38
N PRO A 262 -15.11 -12.32 -7.64
CA PRO A 262 -16.53 -12.65 -7.79
C PRO A 262 -17.47 -11.47 -7.55
N VAL A 263 -17.12 -10.53 -6.66
CA VAL A 263 -18.03 -9.42 -6.41
C VAL A 263 -17.93 -8.37 -7.51
N LEU A 264 -16.76 -8.25 -8.17
CA LEU A 264 -16.59 -7.28 -9.23
C LEU A 264 -17.01 -7.80 -10.60
N LYS A 265 -16.86 -9.11 -10.83
CA LYS A 265 -17.06 -9.77 -12.12
C LYS A 265 -15.95 -9.45 -13.13
N TYR A 266 -14.79 -9.00 -12.66
CA TYR A 266 -13.70 -8.66 -13.57
C TYR A 266 -12.37 -9.03 -12.93
N THR A 267 -11.38 -9.28 -13.77
CA THR A 267 -10.01 -9.49 -13.33
C THR A 267 -9.27 -8.16 -13.27
N PRO A 268 -8.20 -8.07 -12.47
CA PRO A 268 -7.40 -6.83 -12.47
C PRO A 268 -6.85 -6.48 -13.83
N HIS A 269 -6.47 -7.49 -14.63
CA HIS A 269 -6.04 -7.23 -16.00
C HIS A 269 -7.13 -6.54 -16.79
N GLN A 270 -8.37 -7.00 -16.66
CA GLN A 270 -9.48 -6.42 -17.42
C GLN A 270 -9.76 -4.99 -17.00
N LEU A 271 -9.63 -4.68 -15.71
CA LEU A 271 -9.86 -3.31 -15.24
C LEU A 271 -8.74 -2.38 -15.68
N LEU A 272 -7.56 -2.90 -15.98
CA LEU A 272 -6.43 -2.07 -16.40
C LEU A 272 -6.41 -1.86 -17.90
N PHE A 273 -6.64 -2.91 -18.69
CA PHE A 273 -6.52 -2.85 -20.13
C PHE A 273 -7.84 -2.86 -20.88
N GLY A 274 -8.92 -3.35 -20.27
CA GLY A 274 -10.19 -3.45 -20.95
C GLY A 274 -10.31 -4.60 -21.91
N ILE A 275 -9.34 -5.51 -21.94
CA ILE A 275 -9.36 -6.65 -22.85
C ILE A 275 -8.33 -7.65 -22.37
N ASP A 276 -8.68 -8.93 -22.43
CA ASP A 276 -7.76 -9.99 -22.04
C ASP A 276 -6.66 -10.15 -23.09
N SER A 277 -5.47 -10.50 -22.62
CA SER A 277 -4.38 -10.86 -23.51
C SER A 277 -4.48 -12.36 -23.82
N ASN A 278 -3.43 -12.92 -24.42
CA ASN A 278 -3.45 -14.32 -24.85
C ASN A 278 -3.17 -15.26 -23.67
N THR A 279 -4.06 -15.21 -22.68
CA THR A 279 -4.04 -16.11 -21.55
C THR A 279 -5.16 -17.14 -21.67
N PRO A 280 -5.08 -18.25 -20.94
CA PRO A 280 -6.15 -19.25 -21.03
C PRO A 280 -7.50 -18.69 -20.62
N PHE A 281 -8.54 -19.12 -21.33
CA PHE A 281 -9.93 -18.73 -21.05
C PHE A 281 -10.13 -17.22 -21.17
N ALA A 282 -9.55 -16.63 -22.22
CA ALA A 282 -9.68 -15.21 -22.45
C ALA A 282 -11.13 -14.85 -22.80
N ASN A 283 -11.61 -13.77 -22.22
CA ASN A 283 -12.95 -13.29 -22.52
C ASN A 283 -12.99 -12.62 -23.89
N GLN A 284 -14.03 -12.93 -24.66
CA GLN A 284 -14.14 -12.50 -26.05
C GLN A 284 -15.39 -11.68 -26.33
N ASP A 285 -15.99 -11.09 -25.30
CA ASP A 285 -17.27 -10.41 -25.48
C ASP A 285 -17.14 -9.13 -26.31
N THR A 286 -15.98 -8.50 -26.29
CA THR A 286 -15.77 -7.24 -27.00
C THR A 286 -15.00 -7.43 -28.31
N LEU A 287 -15.17 -8.59 -28.96
CA LEU A 287 -14.38 -8.89 -30.15
C LEU A 287 -14.82 -8.03 -31.33
N ASP A 288 -16.13 -7.81 -31.48
CA ASP A 288 -16.65 -7.04 -32.61
C ASP A 288 -16.65 -5.54 -32.37
N LEU A 289 -16.32 -5.09 -31.16
CA LEU A 289 -16.21 -3.67 -30.89
C LEU A 289 -14.86 -3.14 -31.36
N THR A 290 -14.84 -1.86 -31.72
CA THR A 290 -13.55 -1.20 -31.94
C THR A 290 -12.87 -0.95 -30.60
N ARG A 291 -11.61 -0.52 -30.65
CA ARG A 291 -10.90 -0.23 -29.41
C ARG A 291 -11.52 0.97 -28.70
N GLU A 292 -11.90 2.01 -29.45
CA GLU A 292 -12.53 3.17 -28.83
C GLU A 292 -13.88 2.81 -28.21
N GLU A 293 -14.65 1.94 -28.88
CA GLU A 293 -15.88 1.44 -28.27
C GLU A 293 -15.58 0.59 -27.05
N GLU A 294 -14.48 -0.17 -27.09
CA GLU A 294 -14.05 -0.98 -25.96
C GLU A 294 -13.64 -0.11 -24.78
N LEU A 295 -12.87 0.95 -25.05
CA LEU A 295 -12.42 1.85 -23.99
C LEU A 295 -13.57 2.66 -23.41
N SER A 296 -14.61 2.90 -24.20
CA SER A 296 -15.79 3.58 -23.67
C SER A 296 -16.54 2.68 -22.69
N LEU A 297 -16.66 1.39 -23.02
CA LEU A 297 -17.24 0.43 -22.09
C LEU A 297 -16.38 0.25 -20.85
N LEU A 298 -15.06 0.40 -20.99
CA LEU A 298 -14.18 0.27 -19.84
C LEU A 298 -14.36 1.43 -18.86
N GLN A 299 -14.54 2.65 -19.38
CA GLN A 299 -14.79 3.78 -18.50
C GLN A 299 -16.10 3.62 -17.75
N GLU A 300 -17.11 3.04 -18.40
CA GLU A 300 -18.37 2.75 -17.73
C GLU A 300 -18.22 1.68 -16.66
N ILE A 301 -17.40 0.65 -16.94
CA ILE A 301 -17.22 -0.43 -15.99
C ILE A 301 -16.46 0.06 -14.75
N ARG A 302 -15.47 0.92 -14.95
CA ARG A 302 -14.65 1.39 -13.83
C ARG A 302 -15.48 2.19 -12.83
N THR A 303 -16.38 3.04 -13.31
CA THR A 303 -17.14 3.89 -12.42
C THR A 303 -18.25 3.16 -11.68
N SER A 304 -18.72 2.02 -12.19
CA SER A 304 -19.89 1.34 -11.65
C SER A 304 -19.53 0.15 -10.77
N LEU A 305 -18.28 0.06 -10.31
CA LEU A 305 -17.88 -1.08 -9.50
C LEU A 305 -18.48 -1.01 -8.10
N TYR A 306 -18.79 -2.18 -7.54
CA TYR A 306 -19.31 -2.26 -6.19
C TYR A 306 -18.34 -1.62 -5.20
N HIS A 307 -18.90 -0.86 -4.25
CA HIS A 307 -18.08 -0.25 -3.22
C HIS A 307 -18.76 -0.44 -1.87
N PRO A 308 -18.07 -1.00 -0.88
CA PRO A 308 -18.68 -1.27 0.41
C PRO A 308 -18.85 0.00 1.23
N SER A 309 -19.70 -0.09 2.25
CA SER A 309 -19.99 1.03 3.13
C SER A 309 -19.56 0.70 4.56
N THR A 310 -19.40 1.74 5.34
CA THR A 310 -18.99 1.61 6.74
C THR A 310 -19.96 0.70 7.48
N PRO A 311 -19.47 -0.30 8.20
CA PRO A 311 -20.36 -1.23 8.90
C PRO A 311 -20.98 -0.58 10.13
N PRO A 312 -21.93 -1.25 10.78
CA PRO A 312 -22.51 -0.68 12.00
C PRO A 312 -21.49 -0.59 13.11
N ALA A 313 -21.57 0.49 13.89
CA ALA A 313 -20.73 0.60 15.07
C ALA A 313 -21.13 -0.45 16.10
N SER A 314 -20.13 -0.94 16.84
CA SER A 314 -20.43 -1.83 17.94
C SER A 314 -21.09 -1.06 19.07
N SER A 315 -21.81 -1.79 19.93
CA SER A 315 -22.69 -1.14 20.89
C SER A 315 -21.94 -0.27 21.91
N ARG A 316 -20.63 -0.47 22.06
CA ARG A 316 -19.83 0.34 23.00
C ARG A 316 -18.54 0.80 22.33
N SER A 317 -18.68 1.59 21.27
CA SER A 317 -17.54 2.18 20.59
C SER A 317 -17.38 3.63 21.02
N TRP A 318 -16.18 4.15 20.77
CA TRP A 318 -15.87 5.56 21.04
C TRP A 318 -15.35 6.21 19.76
N SER A 319 -15.65 7.50 19.62
CA SER A 319 -15.13 8.31 18.53
C SER A 319 -14.46 9.54 19.09
N PRO A 320 -13.32 9.96 18.52
CA PRO A 320 -12.51 10.99 19.15
C PRO A 320 -13.11 12.38 18.99
N VAL A 321 -12.91 13.21 20.01
CA VAL A 321 -13.36 14.59 20.05
C VAL A 321 -12.15 15.47 20.35
N VAL A 322 -12.15 16.67 19.77
CA VAL A 322 -11.04 17.60 19.99
C VAL A 322 -10.96 17.97 21.47
N GLY A 323 -9.75 17.92 22.02
CA GLY A 323 -9.53 18.22 23.42
C GLY A 323 -9.64 17.04 24.35
N GLN A 324 -10.02 15.87 23.84
CA GLN A 324 -10.21 14.69 24.68
C GLN A 324 -8.86 14.11 25.10
N LEU A 325 -8.80 13.62 26.34
CA LEU A 325 -7.63 12.90 26.81
C LEU A 325 -7.66 11.48 26.27
N VAL A 326 -6.60 11.09 25.56
CA VAL A 326 -6.47 9.76 24.99
C VAL A 326 -5.05 9.27 25.23
N GLN A 327 -4.85 7.96 25.09
CA GLN A 327 -3.55 7.35 25.32
C GLN A 327 -3.16 6.48 24.14
N GLU A 328 -1.93 6.65 23.67
CA GLU A 328 -1.41 5.88 22.55
C GLU A 328 -0.84 4.55 23.05
N ARG A 329 -1.02 3.52 22.24
CA ARG A 329 -0.48 2.20 22.58
C ARG A 329 1.03 2.20 22.45
N VAL A 330 1.70 1.55 23.39
CA VAL A 330 3.14 1.36 23.28
C VAL A 330 3.43 0.36 22.17
N ALA A 331 4.45 0.67 21.36
CA ALA A 331 4.68 -0.08 20.13
C ALA A 331 5.24 -1.47 20.41
N ARG A 332 6.44 -1.54 20.99
CA ARG A 332 7.11 -2.80 21.31
C ARG A 332 7.32 -2.87 22.82
N PRO A 333 6.26 -3.12 23.58
CA PRO A 333 6.36 -3.00 25.04
C PRO A 333 7.16 -4.15 25.64
N ALA A 334 8.12 -3.78 26.49
CA ALA A 334 8.98 -4.78 27.13
C ALA A 334 8.17 -5.60 28.13
N SER A 335 8.78 -6.69 28.59
CA SER A 335 8.13 -7.58 29.55
C SER A 335 7.85 -6.83 30.85
N LEU A 336 6.62 -6.99 31.36
CA LEU A 336 6.18 -6.39 32.62
C LEU A 336 6.24 -4.86 32.58
N ARG A 337 6.04 -4.27 31.40
CA ARG A 337 5.98 -2.82 31.24
C ARG A 337 4.61 -2.42 30.69
N PRO A 338 4.18 -1.19 30.94
CA PRO A 338 2.84 -0.77 30.51
C PRO A 338 2.64 -0.86 29.01
N ARG A 339 1.40 -1.17 28.63
CA ARG A 339 1.00 -1.26 27.24
C ARG A 339 0.52 0.07 26.66
N TRP A 340 0.42 1.12 27.48
CA TRP A 340 -0.08 2.42 27.05
C TRP A 340 0.86 3.53 27.49
N HIS A 341 0.96 4.56 26.65
CA HIS A 341 1.66 5.78 27.01
C HIS A 341 0.81 6.64 27.94
N LYS A 342 1.43 7.68 28.50
CA LYS A 342 0.73 8.61 29.36
C LYS A 342 -0.30 9.41 28.56
N PRO A 343 -1.31 9.95 29.24
CA PRO A 343 -2.39 10.64 28.51
C PRO A 343 -1.89 11.79 27.65
N SER A 344 -2.48 11.91 26.47
CA SER A 344 -2.22 13.01 25.53
C SER A 344 -3.57 13.56 25.06
N THR A 345 -3.53 14.71 24.41
CA THR A 345 -4.73 15.44 24.01
C THR A 345 -4.93 15.40 22.51
N VAL A 346 -6.18 15.27 22.08
CA VAL A 346 -6.52 15.25 20.66
C VAL A 346 -6.50 16.69 20.14
N LEU A 347 -5.54 16.99 19.28
CA LEU A 347 -5.49 18.31 18.67
C LEU A 347 -6.51 18.44 17.54
N LYS A 348 -6.48 17.53 16.58
CA LYS A 348 -7.33 17.62 15.40
C LYS A 348 -7.87 16.23 15.06
N VAL A 349 -9.10 16.20 14.55
CA VAL A 349 -9.77 14.98 14.11
C VAL A 349 -9.77 15.00 12.59
N LEU A 350 -8.86 14.23 11.98
CA LEU A 350 -8.74 14.22 10.52
C LEU A 350 -9.92 13.49 9.88
N ASN A 351 -10.32 12.37 10.45
CA ASN A 351 -11.55 11.66 10.11
C ASN A 351 -11.97 10.87 11.34
N PRO A 352 -13.16 10.26 11.34
CA PRO A 352 -13.62 9.56 12.56
C PRO A 352 -12.66 8.48 13.05
N ARG A 353 -11.69 8.05 12.24
CA ARG A 353 -10.77 6.98 12.63
C ARG A 353 -9.32 7.45 12.75
N THR A 354 -9.03 8.72 12.52
CA THR A 354 -7.66 9.23 12.46
C THR A 354 -7.58 10.58 13.16
N VAL A 355 -6.57 10.75 14.02
CA VAL A 355 -6.42 11.98 14.80
C VAL A 355 -4.96 12.41 14.87
N VAL A 356 -4.76 13.69 15.17
CA VAL A 356 -3.48 14.25 15.57
C VAL A 356 -3.50 14.44 17.08
N ILE A 357 -2.41 14.08 17.75
CA ILE A 357 -2.30 14.21 19.19
C ILE A 357 -1.02 14.93 19.56
N LEU A 358 -1.06 15.63 20.70
CA LEU A 358 0.12 16.24 21.30
C LEU A 358 0.76 15.19 22.21
N ASP A 359 1.86 14.60 21.72
CA ASP A 359 2.38 13.34 22.25
C ASP A 359 2.97 13.51 23.65
N HIS A 360 3.30 12.37 24.26
CA HIS A 360 3.93 12.36 25.58
C HIS A 360 5.26 13.08 25.56
N LEU A 361 5.98 13.03 24.44
CA LEU A 361 7.24 13.76 24.32
C LEU A 361 7.00 15.26 24.17
N GLY A 362 6.01 15.63 23.35
CA GLY A 362 5.76 17.02 23.02
C GLY A 362 5.52 17.21 21.54
N ASN A 363 5.81 16.18 20.76
CA ASN A 363 5.66 16.23 19.31
C ASN A 363 4.20 16.07 18.90
N ASN A 364 3.89 16.57 17.71
CA ASN A 364 2.63 16.25 17.05
C ASN A 364 2.74 14.90 16.37
N ARG A 365 1.69 14.08 16.48
CA ARG A 365 1.74 12.71 15.99
C ARG A 365 0.38 12.32 15.42
N THR A 366 0.38 11.75 14.22
CA THR A 366 -0.84 11.33 13.55
C THR A 366 -1.01 9.83 13.72
N VAL A 367 -2.14 9.42 14.33
CA VAL A 367 -2.34 8.04 14.74
C VAL A 367 -3.75 7.56 14.41
N SER A 368 -3.88 6.25 14.30
CA SER A 368 -5.17 5.59 14.19
C SER A 368 -5.79 5.41 15.58
N ILE A 369 -7.11 5.49 15.65
CA ILE A 369 -7.77 5.30 16.93
C ILE A 369 -7.68 3.84 17.38
N ASP A 370 -7.36 2.92 16.46
CA ASP A 370 -7.11 1.54 16.87
C ASP A 370 -5.91 1.44 17.81
N ASN A 371 -4.98 2.39 17.73
CA ASN A 371 -3.84 2.45 18.63
C ASN A 371 -4.04 3.49 19.73
N LEU A 372 -5.29 3.80 20.05
CA LEU A 372 -5.63 4.75 21.11
C LEU A 372 -6.71 4.17 21.99
N LYS A 373 -6.68 4.55 23.26
CA LYS A 373 -7.83 4.37 24.12
C LYS A 373 -8.19 5.71 24.75
N PRO A 374 -9.48 5.94 25.01
CA PRO A 374 -9.86 7.15 25.76
C PRO A 374 -9.47 6.95 27.23
N THR A 375 -8.85 7.97 27.79
CA THR A 375 -8.44 7.89 29.20
C THR A 375 -9.67 7.79 30.08
N SER A 376 -9.65 6.83 31.01
CA SER A 376 -10.81 6.57 31.85
C SER A 376 -10.92 7.62 32.95
N HIS A 377 -12.16 7.82 33.40
CA HIS A 377 -12.49 8.72 34.52
C HIS A 377 -12.18 10.17 34.21
N GLN A 378 -12.24 10.54 32.92
CA GLN A 378 -12.02 11.91 32.48
C GLN A 378 -10.66 12.46 32.91
N ASP B 119 -13.99 -8.41 -41.02
CA ASP B 119 -12.88 -8.84 -40.16
C ASP B 119 -12.96 -8.13 -38.82
N ARG B 120 -12.28 -8.70 -37.82
CA ARG B 120 -12.34 -8.19 -36.45
C ARG B 120 -11.46 -6.95 -36.29
N PRO B 121 -11.91 -5.96 -35.53
CA PRO B 121 -11.07 -4.77 -35.31
C PRO B 121 -9.78 -5.11 -34.58
N GLN B 122 -8.73 -4.34 -34.89
CA GLN B 122 -7.42 -4.56 -34.29
C GLN B 122 -7.44 -4.17 -32.82
N LYS B 123 -6.72 -4.92 -32.00
CA LYS B 123 -6.78 -4.79 -30.55
C LYS B 123 -5.39 -4.87 -29.95
N PRO B 124 -5.20 -4.34 -28.74
CA PRO B 124 -3.93 -4.56 -28.05
C PRO B 124 -3.73 -6.05 -27.77
N PHE B 125 -2.47 -6.46 -27.79
CA PHE B 125 -1.99 -7.82 -27.54
C PHE B 125 -2.27 -8.74 -28.74
N ASP B 126 -2.81 -8.23 -29.84
CA ASP B 126 -2.94 -9.04 -31.04
C ASP B 126 -1.57 -9.37 -31.63
N LYS B 127 -0.66 -8.41 -31.66
CA LYS B 127 0.62 -8.60 -32.33
C LYS B 127 1.67 -7.74 -31.65
N PHE B 128 2.70 -8.39 -31.12
CA PHE B 128 3.91 -7.72 -30.64
C PHE B 128 4.97 -7.79 -31.73
N PHE B 129 5.63 -6.68 -31.99
CA PHE B 129 6.72 -6.59 -32.96
C PHE B 129 8.04 -6.46 -32.20
N ILE B 130 8.94 -7.42 -32.37
CA ILE B 130 10.19 -7.43 -31.62
C ILE B 130 11.37 -7.32 -32.58
N ASP B 131 12.44 -6.71 -32.08
CA ASP B 131 13.68 -6.53 -32.82
C ASP B 131 14.76 -6.08 -31.85
N TYR B 132 16.01 -6.34 -32.22
CA TYR B 132 17.16 -5.94 -31.42
C TYR B 132 17.80 -4.69 -32.00
N ILE B 133 18.25 -3.81 -31.12
CA ILE B 133 19.06 -2.64 -31.47
C ILE B 133 20.41 -2.82 -30.80
N GLY B 134 21.48 -2.73 -31.59
CA GLY B 134 22.82 -2.90 -31.06
C GLY B 134 23.77 -3.55 -32.05
N PRO B 135 25.04 -3.73 -31.65
CA PRO B 135 25.58 -3.43 -30.32
C PRO B 135 25.78 -1.94 -30.03
N LEU B 136 25.49 -1.56 -28.79
CA LEU B 136 25.67 -0.22 -28.25
C LEU B 136 26.91 -0.18 -27.39
N PRO B 137 27.37 1.01 -26.99
CA PRO B 137 28.46 1.09 -26.03
C PRO B 137 28.03 0.50 -24.69
N PRO B 138 28.95 -0.10 -23.96
CA PRO B 138 28.58 -0.76 -22.70
C PRO B 138 27.96 0.20 -21.70
N SER B 139 26.88 -0.25 -21.06
CA SER B 139 26.21 0.53 -20.02
C SER B 139 25.81 -0.43 -18.90
N GLN B 140 26.63 -0.48 -17.84
CA GLN B 140 26.40 -1.35 -16.70
C GLN B 140 26.24 -2.81 -17.14
N GLY B 141 27.10 -3.22 -18.09
CA GLY B 141 27.18 -4.59 -18.53
C GLY B 141 26.39 -4.90 -19.78
N TYR B 142 25.41 -4.08 -20.14
CA TYR B 142 24.48 -4.39 -21.22
C TYR B 142 24.92 -3.74 -22.52
N LEU B 143 24.66 -4.44 -23.64
CA LEU B 143 25.11 -4.03 -24.96
C LEU B 143 24.01 -3.85 -25.98
N TYR B 144 22.85 -4.49 -25.80
CA TYR B 144 21.77 -4.47 -26.78
C TYR B 144 20.47 -4.03 -26.11
N VAL B 145 19.47 -3.75 -26.94
CA VAL B 145 18.13 -3.42 -26.48
C VAL B 145 17.13 -4.24 -27.28
N LEU B 146 16.33 -5.05 -26.58
CA LEU B 146 15.21 -5.72 -27.21
C LEU B 146 14.01 -4.78 -27.23
N VAL B 147 13.55 -4.43 -28.42
CA VAL B 147 12.42 -3.52 -28.60
C VAL B 147 11.17 -4.34 -28.84
N VAL B 148 10.12 -4.09 -28.07
CA VAL B 148 8.82 -4.70 -28.26
C VAL B 148 7.80 -3.60 -28.45
N VAL B 149 7.06 -3.65 -29.55
CA VAL B 149 6.04 -2.66 -29.87
C VAL B 149 4.72 -3.37 -30.12
N ASP B 150 3.69 -2.96 -29.39
CA ASP B 150 2.34 -3.44 -29.65
C ASP B 150 1.83 -2.84 -30.94
N GLY B 151 1.32 -3.68 -31.85
CA GLY B 151 0.96 -3.21 -33.17
C GLY B 151 -0.22 -2.26 -33.16
N MET B 152 -1.22 -2.53 -32.33
CA MET B 152 -2.43 -1.71 -32.33
C MET B 152 -2.18 -0.35 -31.67
N THR B 153 -1.58 -0.36 -30.47
CA THR B 153 -1.45 0.86 -29.68
C THR B 153 -0.17 1.63 -29.98
N GLY B 154 0.89 0.97 -30.40
CA GLY B 154 2.18 1.61 -30.49
C GLY B 154 2.94 1.64 -29.18
N PHE B 155 2.43 0.99 -28.14
CA PHE B 155 3.09 0.97 -26.85
C PHE B 155 4.39 0.19 -26.92
N THR B 156 5.43 0.73 -26.30
CA THR B 156 6.79 0.23 -26.45
C THR B 156 7.33 -0.25 -25.11
N TRP B 157 7.92 -1.45 -25.12
CA TRP B 157 8.70 -1.96 -24.00
C TRP B 157 10.14 -2.14 -24.46
N LEU B 158 11.09 -1.74 -23.61
CA LEU B 158 12.51 -1.81 -23.92
C LEU B 158 13.21 -2.64 -22.84
N TYR B 159 13.95 -3.66 -23.26
CA TYR B 159 14.68 -4.53 -22.34
C TYR B 159 16.15 -4.56 -22.70
N PRO B 160 17.05 -4.20 -21.79
CA PRO B 160 18.49 -4.29 -22.09
C PRO B 160 19.00 -5.71 -21.94
N THR B 161 19.86 -6.12 -22.87
CA THR B 161 20.42 -7.46 -22.86
C THR B 161 21.92 -7.39 -23.13
N LYS B 162 22.62 -8.43 -22.70
CA LYS B 162 24.05 -8.54 -22.94
C LYS B 162 24.40 -9.11 -24.30
N ALA B 163 23.45 -9.74 -24.98
CA ALA B 163 23.68 -10.34 -26.30
C ALA B 163 22.35 -10.45 -27.02
N PRO B 164 22.36 -10.56 -28.40
CA PRO B 164 21.12 -10.83 -29.15
C PRO B 164 20.87 -12.32 -29.30
N SER B 165 20.77 -13.02 -28.17
CA SER B 165 20.65 -14.46 -28.14
C SER B 165 19.20 -14.88 -27.84
N THR B 166 18.93 -16.16 -28.07
CA THR B 166 17.64 -16.72 -27.65
C THR B 166 17.50 -16.64 -26.13
N SER B 167 18.57 -16.97 -25.41
CA SER B 167 18.55 -16.92 -23.95
C SER B 167 18.16 -15.53 -23.45
N ALA B 168 18.80 -14.49 -23.98
CA ALA B 168 18.49 -13.13 -23.55
C ALA B 168 17.09 -12.71 -23.98
N THR B 169 16.64 -13.18 -25.14
CA THR B 169 15.27 -12.88 -25.58
C THR B 169 14.24 -13.53 -24.66
N VAL B 170 14.47 -14.80 -24.30
CA VAL B 170 13.54 -15.51 -23.44
C VAL B 170 13.48 -14.89 -22.06
N LYS B 171 14.62 -14.46 -21.53
CA LYS B 171 14.63 -13.82 -20.21
C LYS B 171 13.86 -12.51 -20.22
N SER B 172 14.09 -11.67 -21.23
CA SER B 172 13.40 -10.38 -21.29
C SER B 172 11.91 -10.55 -21.55
N LEU B 173 11.54 -11.46 -22.46
CA LEU B 173 10.13 -11.66 -22.76
C LEU B 173 9.39 -12.41 -21.67
N ASN B 174 10.09 -13.18 -20.83
CA ASN B 174 9.45 -13.77 -19.66
C ASN B 174 8.99 -12.69 -18.68
N VAL B 175 9.71 -11.57 -18.63
CA VAL B 175 9.26 -10.44 -17.82
C VAL B 175 8.00 -9.82 -18.42
N LEU B 176 8.03 -9.57 -19.73
CA LEU B 176 6.89 -8.94 -20.39
C LEU B 176 5.66 -9.84 -20.38
N THR B 177 5.85 -11.13 -20.62
CA THR B 177 4.71 -12.05 -20.69
C THR B 177 4.18 -12.45 -19.31
N SER B 178 4.81 -11.99 -18.24
CA SER B 178 4.17 -12.05 -16.92
C SER B 178 3.24 -10.86 -16.68
N ILE B 179 3.28 -9.86 -17.57
CA ILE B 179 2.32 -8.77 -17.56
C ILE B 179 1.22 -8.98 -18.60
N ALA B 180 1.59 -9.43 -19.81
CA ALA B 180 0.62 -9.63 -20.88
C ALA B 180 1.23 -10.48 -21.98
N ILE B 181 0.43 -11.40 -22.52
CA ILE B 181 0.88 -12.35 -23.53
C ILE B 181 0.28 -11.96 -24.87
N PRO B 182 1.07 -11.84 -25.93
CA PRO B 182 0.49 -11.57 -27.25
C PRO B 182 0.02 -12.83 -27.94
N LYS B 183 -0.94 -12.65 -28.84
CA LYS B 183 -1.36 -13.78 -29.69
C LYS B 183 -0.27 -14.11 -30.70
N VAL B 184 0.37 -13.09 -31.27
CA VAL B 184 1.39 -13.25 -32.29
C VAL B 184 2.60 -12.39 -31.91
N ILE B 185 3.79 -12.94 -32.11
CA ILE B 185 5.03 -12.17 -32.09
C ILE B 185 5.57 -12.11 -33.51
N HIS B 186 5.94 -10.92 -33.97
CA HIS B 186 6.48 -10.71 -35.30
C HIS B 186 7.93 -10.25 -35.19
N SER B 187 8.77 -10.78 -36.08
CA SER B 187 10.20 -10.45 -36.07
C SER B 187 10.79 -10.70 -37.45
N ASP B 188 12.02 -10.24 -37.63
CA ASP B 188 12.80 -10.64 -38.79
C ASP B 188 13.38 -12.04 -38.55
N GLN B 189 14.09 -12.57 -39.53
CA GLN B 189 14.68 -13.90 -39.41
C GLN B 189 16.00 -13.91 -38.66
N GLY B 190 16.11 -13.12 -37.59
CA GLY B 190 17.31 -13.15 -36.77
C GLY B 190 17.48 -14.49 -36.08
N ALA B 191 18.74 -14.83 -35.81
CA ALA B 191 19.06 -16.15 -35.26
C ALA B 191 18.32 -16.42 -33.96
N ALA B 192 18.24 -15.41 -33.08
CA ALA B 192 17.60 -15.60 -31.79
C ALA B 192 16.12 -15.91 -31.92
N PHE B 193 15.47 -15.42 -32.97
CA PHE B 193 14.02 -15.62 -33.13
C PHE B 193 13.67 -16.86 -33.94
N THR B 194 14.57 -17.32 -34.81
CA THR B 194 14.31 -18.49 -35.64
C THR B 194 14.77 -19.79 -34.99
N SER B 195 15.38 -19.72 -33.81
CA SER B 195 15.90 -20.92 -33.15
C SER B 195 14.75 -21.82 -32.68
N SER B 196 15.06 -23.11 -32.55
CA SER B 196 14.06 -24.06 -32.08
C SER B 196 13.75 -23.87 -30.61
N THR B 197 14.70 -23.33 -29.83
CA THR B 197 14.43 -23.03 -28.44
C THR B 197 13.37 -21.94 -28.32
N PHE B 198 13.49 -20.88 -29.13
CA PHE B 198 12.51 -19.81 -29.08
C PHE B 198 11.16 -20.28 -29.61
N ALA B 199 11.18 -21.17 -30.62
CA ALA B 199 9.93 -21.75 -31.11
C ALA B 199 9.26 -22.59 -30.04
N GLU B 200 10.05 -23.31 -29.24
CA GLU B 200 9.49 -24.10 -28.16
C GLU B 200 8.93 -23.20 -27.06
N TRP B 201 9.64 -22.12 -26.75
CA TRP B 201 9.15 -21.15 -25.76
C TRP B 201 7.81 -20.57 -26.20
N ALA B 202 7.67 -20.22 -27.48
CA ALA B 202 6.44 -19.61 -27.96
C ALA B 202 5.29 -20.62 -27.97
N LYS B 203 5.58 -21.87 -28.33
CA LYS B 203 4.53 -22.89 -28.36
C LYS B 203 4.00 -23.16 -26.96
N GLU B 204 4.88 -23.16 -25.95
CA GLU B 204 4.46 -23.40 -24.57
C GLU B 204 3.44 -22.36 -24.11
N ARG B 205 3.51 -21.14 -24.63
CA ARG B 205 2.64 -20.06 -24.22
C ARG B 205 1.52 -19.77 -25.22
N GLY B 206 1.35 -20.63 -26.21
CA GLY B 206 0.32 -20.41 -27.20
C GLY B 206 0.55 -19.22 -28.11
N ILE B 207 1.80 -18.80 -28.29
CA ILE B 207 2.14 -17.64 -29.11
C ILE B 207 2.51 -18.13 -30.50
N HIS B 208 1.80 -17.65 -31.52
CA HIS B 208 2.19 -17.90 -32.89
C HIS B 208 3.35 -16.99 -33.27
N LEU B 209 4.38 -17.58 -33.89
CA LEU B 209 5.51 -16.80 -34.40
C LEU B 209 5.29 -16.48 -35.87
N GLU B 210 5.65 -15.25 -36.25
CA GLU B 210 5.45 -14.76 -37.60
C GLU B 210 6.71 -14.06 -38.06
N PHE B 211 7.24 -14.47 -39.22
CA PHE B 211 8.52 -13.98 -39.71
C PHE B 211 8.34 -13.24 -41.03
N SER B 212 9.08 -12.14 -41.17
CA SER B 212 9.17 -11.46 -42.45
C SER B 212 10.17 -12.16 -43.36
N THR B 213 10.05 -11.90 -44.66
CA THR B 213 10.97 -12.49 -45.62
C THR B 213 12.39 -11.99 -45.36
N PRO B 214 13.41 -12.83 -45.56
CA PRO B 214 14.79 -12.34 -45.43
C PRO B 214 15.07 -11.16 -46.34
N TYR B 215 15.78 -10.17 -45.79
CA TYR B 215 16.22 -8.95 -46.47
C TYR B 215 15.06 -8.05 -46.89
N HIS B 216 13.84 -8.34 -46.45
CA HIS B 216 12.68 -7.50 -46.74
C HIS B 216 11.85 -7.33 -45.46
N PRO B 217 12.37 -6.58 -44.49
CA PRO B 217 11.65 -6.43 -43.22
C PRO B 217 10.42 -5.53 -43.38
N GLN B 218 9.29 -6.01 -42.88
CA GLN B 218 8.03 -5.27 -42.98
C GLN B 218 7.19 -5.52 -41.74
N SER B 219 6.46 -4.49 -41.32
CA SER B 219 5.63 -4.58 -40.12
C SER B 219 4.32 -3.81 -40.32
N SER B 220 4.36 -2.51 -40.05
CA SER B 220 3.24 -1.62 -40.33
C SER B 220 3.76 -0.19 -40.27
N GLY B 221 3.03 0.72 -40.90
CA GLY B 221 3.43 2.12 -40.88
C GLY B 221 3.62 2.64 -39.47
N LYS B 222 2.64 2.36 -38.60
CA LYS B 222 2.72 2.80 -37.21
C LYS B 222 3.94 2.22 -36.51
N VAL B 223 4.24 0.94 -36.75
CA VAL B 223 5.37 0.29 -36.09
C VAL B 223 6.69 0.75 -36.69
N GLU B 224 6.76 0.86 -38.01
CA GLU B 224 7.96 1.35 -38.67
C GLU B 224 8.35 2.73 -38.14
N ARG B 225 7.38 3.64 -38.04
CA ARG B 225 7.67 4.98 -37.55
C ARG B 225 8.00 4.98 -36.06
N LYS B 226 7.44 4.03 -35.30
CA LYS B 226 7.79 3.92 -33.89
C LYS B 226 9.23 3.43 -33.72
N ASN B 227 9.61 2.41 -34.49
CA ASN B 227 11.01 1.94 -34.44
C ASN B 227 11.96 3.02 -34.93
N SER B 228 11.52 3.87 -35.85
CA SER B 228 12.33 5.02 -36.26
C SER B 228 12.51 5.98 -35.10
N ASP B 229 11.42 6.32 -34.41
CA ASP B 229 11.49 7.22 -33.26
C ASP B 229 12.46 6.70 -32.20
N ILE B 230 12.45 5.38 -31.97
CA ILE B 230 13.28 4.80 -30.91
C ILE B 230 14.76 4.94 -31.26
N LYS B 231 15.13 4.61 -32.51
CA LYS B 231 16.52 4.75 -32.93
C LYS B 231 17.02 6.18 -32.76
N ARG B 232 16.23 7.15 -33.24
CA ARG B 232 16.68 8.54 -33.21
C ARG B 232 16.66 9.12 -31.80
N LEU B 233 15.71 8.69 -30.97
CA LEU B 233 15.68 9.18 -29.59
C LEU B 233 16.82 8.61 -28.78
N LEU B 234 17.19 7.34 -29.02
CA LEU B 234 18.34 6.77 -28.35
C LEU B 234 19.63 7.44 -28.79
N THR B 235 19.80 7.66 -30.10
CA THR B 235 20.99 8.33 -30.61
C THR B 235 21.15 9.71 -29.99
N LYS B 236 20.05 10.45 -29.85
CA LYS B 236 20.12 11.83 -29.36
C LYS B 236 20.51 11.87 -27.88
N LEU B 237 20.11 10.88 -27.10
CA LEU B 237 20.49 10.83 -25.69
C LEU B 237 21.80 10.09 -25.46
N LEU B 238 22.24 9.27 -26.43
CA LEU B 238 23.53 8.61 -26.32
C LEU B 238 24.67 9.61 -26.33
N VAL B 239 24.62 10.58 -27.24
CA VAL B 239 25.73 11.52 -27.40
C VAL B 239 25.86 12.37 -26.13
N GLY B 240 27.09 12.50 -25.63
CA GLY B 240 27.34 13.21 -24.40
C GLY B 240 27.51 12.27 -23.22
N ARG B 241 26.72 11.18 -23.18
CA ARG B 241 26.74 10.23 -22.07
C ARG B 241 26.50 8.84 -22.61
N PRO B 242 27.44 8.31 -23.40
CA PRO B 242 27.15 7.08 -24.17
C PRO B 242 27.17 5.80 -23.34
N THR B 243 27.65 5.82 -22.10
CA THR B 243 27.66 4.64 -21.26
C THR B 243 26.57 4.67 -20.19
N LYS B 244 25.63 5.61 -20.28
CA LYS B 244 24.62 5.81 -19.24
C LYS B 244 23.22 5.71 -19.81
N TRP B 245 23.01 4.83 -20.80
CA TRP B 245 21.69 4.67 -21.38
C TRP B 245 20.84 3.63 -20.66
N TYR B 246 21.44 2.77 -19.84
CA TYR B 246 20.66 1.83 -19.05
C TYR B 246 19.72 2.55 -18.09
N ASP B 247 20.21 3.62 -17.45
CA ASP B 247 19.40 4.36 -16.49
C ASP B 247 18.32 5.19 -17.18
N LEU B 248 18.47 5.48 -18.46
CA LEU B 248 17.54 6.34 -19.18
C LEU B 248 16.44 5.56 -19.90
N LEU B 249 16.54 4.23 -19.97
CA LEU B 249 15.49 3.45 -20.62
C LEU B 249 14.10 3.68 -20.04
N PRO B 250 13.91 3.88 -18.72
CA PRO B 250 12.56 4.23 -18.24
C PRO B 250 12.01 5.52 -18.83
N VAL B 251 12.78 6.61 -18.79
CA VAL B 251 12.26 7.88 -19.28
C VAL B 251 12.13 7.86 -20.80
N VAL B 252 12.89 7.02 -21.49
CA VAL B 252 12.73 6.86 -22.93
C VAL B 252 11.37 6.23 -23.24
N GLN B 253 11.01 5.17 -22.51
CA GLN B 253 9.72 4.51 -22.74
C GLN B 253 8.56 5.46 -22.45
N LEU B 254 8.61 6.15 -21.31
CA LEU B 254 7.56 7.11 -20.98
C LEU B 254 7.41 8.15 -22.08
N ALA B 255 8.52 8.68 -22.58
CA ALA B 255 8.46 9.63 -23.69
C ALA B 255 7.78 9.02 -24.90
N LEU B 256 8.24 7.84 -25.33
CA LEU B 256 7.69 7.19 -26.51
C LEU B 256 6.20 6.90 -26.34
N ASN B 257 5.80 6.46 -25.16
CA ASN B 257 4.43 6.00 -24.95
C ASN B 257 3.47 7.12 -24.58
N ASN B 258 3.97 8.32 -24.33
CA ASN B 258 3.13 9.50 -24.17
C ASN B 258 3.39 10.50 -25.30
N THR B 259 3.69 9.98 -26.48
CA THR B 259 3.85 10.78 -27.70
C THR B 259 2.56 10.77 -28.50
N TYR B 260 2.11 11.96 -28.90
CA TYR B 260 0.89 12.10 -29.67
C TYR B 260 1.04 11.44 -31.05
N SER B 261 0.03 10.66 -31.44
CA SER B 261 -0.01 9.98 -32.73
C SER B 261 -0.66 10.89 -33.76
N PRO B 262 -0.05 11.10 -34.93
CA PRO B 262 -0.71 11.87 -35.99
C PRO B 262 -1.94 11.20 -36.57
N VAL B 263 -1.85 9.91 -36.89
CA VAL B 263 -2.95 9.20 -37.54
C VAL B 263 -4.10 9.01 -36.55
N LEU B 264 -3.86 8.24 -35.49
CA LEU B 264 -4.84 8.10 -34.42
C LEU B 264 -4.83 9.36 -33.56
N LYS B 265 -5.93 9.57 -32.83
CA LYS B 265 -6.03 10.78 -32.03
C LYS B 265 -5.21 10.73 -30.74
N TYR B 266 -4.79 9.54 -30.31
CA TYR B 266 -4.34 9.34 -28.93
C TYR B 266 -2.90 8.81 -28.88
N THR B 267 -2.31 8.91 -27.69
CA THR B 267 -1.01 8.34 -27.41
C THR B 267 -1.12 6.84 -27.19
N PRO B 268 0.02 6.13 -27.22
CA PRO B 268 -0.03 4.69 -26.85
C PRO B 268 -0.54 4.44 -25.44
N HIS B 269 -0.11 5.27 -24.47
CA HIS B 269 -0.62 5.14 -23.11
C HIS B 269 -2.14 5.21 -23.08
N GLN B 270 -2.72 6.16 -23.81
CA GLN B 270 -4.17 6.34 -23.80
C GLN B 270 -4.88 5.15 -24.44
N LEU B 271 -4.31 4.57 -25.50
CA LEU B 271 -4.95 3.45 -26.17
C LEU B 271 -4.85 2.16 -25.36
N LEU B 272 -3.80 2.02 -24.54
CA LEU B 272 -3.61 0.80 -23.78
C LEU B 272 -4.43 0.80 -22.50
N PHE B 273 -4.46 1.92 -21.78
CA PHE B 273 -5.11 1.99 -20.47
C PHE B 273 -6.44 2.73 -20.50
N GLY B 274 -6.72 3.52 -21.53
CA GLY B 274 -7.98 4.23 -21.60
C GLY B 274 -8.09 5.43 -20.69
N ILE B 275 -6.97 6.08 -20.36
CA ILE B 275 -6.94 7.23 -19.46
C ILE B 275 -5.84 8.17 -19.93
N ASP B 276 -5.87 9.40 -19.41
CA ASP B 276 -4.75 10.31 -19.57
C ASP B 276 -3.62 9.89 -18.64
N SER B 277 -2.41 10.31 -19.00
CA SER B 277 -1.22 9.95 -18.24
C SER B 277 -0.89 11.02 -17.20
N ASN B 278 -0.11 10.61 -16.20
CA ASN B 278 0.42 11.55 -15.22
C ASN B 278 1.74 12.17 -15.66
N THR B 279 2.27 11.75 -16.81
CA THR B 279 3.45 12.36 -17.42
C THR B 279 3.16 12.61 -18.89
N PRO B 280 2.41 13.66 -19.20
CA PRO B 280 2.26 14.05 -20.61
C PRO B 280 3.49 14.82 -21.07
N PHE B 281 3.94 14.51 -22.28
CA PHE B 281 5.11 15.16 -22.84
C PHE B 281 4.64 16.19 -23.87
N ALA B 282 4.19 17.33 -23.35
CA ALA B 282 3.69 18.39 -24.21
C ALA B 282 4.82 19.09 -24.95
N ASN B 283 5.91 19.39 -24.25
CA ASN B 283 7.11 19.95 -24.89
C ASN B 283 7.73 18.90 -25.82
N GLN B 284 7.30 18.88 -27.07
CA GLN B 284 7.78 17.88 -28.02
C GLN B 284 9.23 18.12 -28.36
N ASP B 285 10.09 17.15 -28.01
CA ASP B 285 11.51 17.23 -28.32
C ASP B 285 11.74 17.26 -29.82
N THR B 286 12.78 18.00 -30.26
CA THR B 286 13.02 18.18 -31.68
C THR B 286 13.42 16.87 -32.37
N LEU B 287 14.15 16.01 -31.66
CA LEU B 287 14.54 14.66 -32.09
C LEU B 287 15.70 14.67 -33.08
N ASP B 288 15.91 15.77 -33.78
CA ASP B 288 17.12 15.92 -34.59
C ASP B 288 18.30 16.35 -33.73
N LEU B 289 19.50 16.03 -34.20
CA LEU B 289 20.72 16.42 -33.49
C LEU B 289 21.06 17.88 -33.77
N THR B 290 21.44 18.59 -32.72
CA THR B 290 21.95 19.95 -32.90
C THR B 290 23.36 19.90 -33.50
N ARG B 291 23.77 21.03 -34.09
CA ARG B 291 25.05 21.06 -34.80
C ARG B 291 26.22 20.81 -33.86
N GLU B 292 26.10 21.19 -32.59
CA GLU B 292 27.15 20.90 -31.62
C GLU B 292 27.17 19.42 -31.25
N GLU B 293 26.00 18.77 -31.24
CA GLU B 293 25.96 17.34 -30.95
C GLU B 293 26.49 16.50 -32.11
N GLU B 294 26.45 17.03 -33.33
CA GLU B 294 27.07 16.33 -34.45
C GLU B 294 28.58 16.35 -34.35
N LEU B 295 29.15 17.40 -33.76
CA LEU B 295 30.60 17.50 -33.64
C LEU B 295 31.14 16.48 -32.64
N SER B 296 30.47 16.35 -31.49
CA SER B 296 30.91 15.39 -30.49
C SER B 296 30.59 13.95 -30.89
N LEU B 297 29.55 13.76 -31.70
CA LEU B 297 29.23 12.42 -32.19
C LEU B 297 30.24 11.97 -33.25
N LEU B 298 30.66 12.90 -34.11
CA LEU B 298 31.63 12.57 -35.16
C LEU B 298 33.04 12.40 -34.62
N GLN B 299 33.30 12.80 -33.38
CA GLN B 299 34.66 12.74 -32.84
C GLN B 299 35.06 11.30 -32.51
N GLU B 300 34.17 10.57 -31.83
CA GLU B 300 34.51 9.24 -31.33
C GLU B 300 34.48 8.19 -32.44
N ILE B 301 33.29 7.91 -32.96
CA ILE B 301 33.12 6.89 -33.98
C ILE B 301 31.77 7.04 -34.69
ZN ZN E . -3.79 2.05 40.54
MG MG F . 5.29 -3.64 5.80
MG MG G . 2.29 -6.00 5.21
S SO4 H . 16.44 -22.34 -4.94
O1 SO4 H . 15.82 -21.42 -5.88
O2 SO4 H . 16.56 -23.66 -5.56
O3 SO4 H . 15.63 -22.44 -3.73
O4 SO4 H . 17.78 -21.85 -4.59
O1 MES I . 11.18 1.26 13.32
C2 MES I . 10.43 0.22 13.94
C3 MES I . 9.40 -0.38 12.97
N4 MES I . 8.63 0.71 12.37
C5 MES I . 9.33 1.88 11.87
C6 MES I . 10.33 2.33 12.93
C7 MES I . 7.50 0.25 11.56
C8 MES I . 6.29 1.15 11.81
S MES I . 5.00 0.58 10.94
O1S MES I . 4.38 -0.55 11.66
O2S MES I . 5.44 0.12 9.60
O3S MES I . 3.98 1.65 10.77
C1 GOL J . -1.19 -19.35 3.21
O1 GOL J . -0.54 -20.37 3.92
C2 GOL J . -1.51 -18.19 4.15
O2 GOL J . -0.33 -17.79 4.80
C3 GOL J . -2.04 -17.02 3.33
O3 GOL J . -3.36 -16.70 3.73
C1 GOL K . -6.91 1.48 56.86
O1 GOL K . -7.78 2.59 56.94
C2 GOL K . -7.63 0.24 57.34
O2 GOL K . -8.14 0.48 58.63
C3 GOL K . -6.66 -0.94 57.39
O3 GOL K . -7.33 -2.08 57.89
S SO4 L . 10.65 -2.24 9.36
O1 SO4 L . 10.45 -3.35 8.42
O2 SO4 L . 11.27 -2.75 10.58
O3 SO4 L . 9.38 -1.63 9.67
O4 SO4 L . 11.54 -1.25 8.76
S SO4 M . 5.04 -9.76 28.74
O1 SO4 M . 3.81 -10.48 28.39
O2 SO4 M . 6.06 -10.71 29.17
O3 SO4 M . 4.76 -8.82 29.83
O4 SO4 M . 5.51 -9.03 27.58
S SO4 N . 5.32 7.74 28.44
O1 SO4 N . 5.06 6.78 29.50
O2 SO4 N . 6.13 7.11 27.39
O3 SO4 N . 6.05 8.89 28.98
O4 SO4 N . 4.05 8.20 27.87
C1 GOL O . 21.13 0.94 1.43
O1 GOL O . 20.77 -0.40 1.16
C2 GOL O . 19.90 1.82 1.31
O2 GOL O . 18.85 1.25 2.06
C3 GOL O . 20.22 3.22 1.84
O3 GOL O . 19.63 4.19 1.01
C1 GOL P . -11.75 9.93 1.01
O1 GOL P . -10.86 9.48 0.02
C2 GOL P . -12.67 8.78 1.41
O2 GOL P . -13.44 8.38 0.30
C3 GOL P . -13.59 9.21 2.55
O3 GOL P . -13.51 8.25 3.60
C1 GOL Q . -18.95 -6.41 2.81
O1 GOL Q . -19.11 -5.06 3.17
C2 GOL Q . -17.46 -6.75 2.70
O2 GOL Q . -16.83 -6.51 3.93
C3 GOL Q . -16.83 -5.90 1.62
O3 GOL Q . -16.07 -4.87 2.19
S SO4 R . 1.49 7.09 -36.26
O1 SO4 R . 0.41 6.10 -36.32
O2 SO4 R . 1.69 7.50 -34.86
O3 SO4 R . 1.13 8.25 -37.06
O4 SO4 R . 2.72 6.50 -36.77
C1 GOL S . -8.94 7.08 -25.30
O1 GOL S . -10.08 6.66 -26.01
C2 GOL S . -9.36 7.97 -24.14
O2 GOL S . -10.11 7.22 -23.21
C3 GOL S . -8.13 8.54 -23.46
O3 GOL S . -8.50 9.70 -22.72
C1 GOL T . 15.56 -0.05 -17.00
O1 GOL T . 16.68 -0.43 -16.24
C2 GOL T . 14.60 -1.22 -17.16
O2 GOL T . 15.33 -2.40 -17.42
C3 GOL T . 13.64 -0.92 -18.31
O3 GOL T . 12.68 -1.95 -18.43
C1 GOL U . -17.72 -10.61 -1.41
O1 GOL U . -17.29 -11.49 -2.43
C2 GOL U . -16.70 -9.50 -1.25
O2 GOL U . -15.83 -9.79 -0.18
C3 GOL U . -17.43 -8.20 -0.95
O3 GOL U . -16.59 -7.11 -1.26
NAA WA5 V . 3.28 -5.68 11.53
OAB WA5 V . 1.34 -7.06 11.15
OAC WA5 V . 1.76 -6.40 7.22
OAD WA5 V . 3.66 -4.95 6.18
FAE WA5 V . -5.48 -5.63 9.31
FAF WA5 V . -1.58 -7.14 7.16
CAG WA5 V . 6.34 -3.34 9.96
CAH WA5 V . 6.39 -3.20 8.58
CAI WA5 V . -3.85 -6.81 10.56
CAJ WA5 V . -2.63 -7.46 10.60
CAK WA5 V . 5.33 -4.12 10.53
CAL WA5 V . -3.52 -6.38 8.21
CAM WA5 V . -0.61 -8.25 9.52
NAN WA5 V . 5.43 -3.81 7.76
NAO WA5 V . 0.52 -7.40 9.07
CAP WA5 V . 1.40 -6.88 9.93
CAQ WA5 V . -4.30 -6.26 9.36
CAR WA5 V . 3.37 -5.51 10.20
CAS WA5 V . -2.30 -7.05 8.27
CAT WA5 V . -1.84 -7.58 9.46
CAU WA5 V . 2.42 -6.10 9.39
CAV WA5 V . 2.55 -5.90 8.01
CAW WA5 V . 4.40 -4.72 9.69
CAX WA5 V . 4.46 -4.55 8.31
NAY WA5 V . 3.56 -5.14 7.52
#